data_1SLA
#
_entry.id   1SLA
#
_cell.length_a   106.900
_cell.length_b   106.900
_cell.length_c   119.100
_cell.angle_alpha   90.00
_cell.angle_beta   90.00
_cell.angle_gamma   120.00
#
_symmetry.space_group_name_H-M   'P 63 2 2'
#
loop_
_entity.id
_entity.type
_entity.pdbx_description
1 polymer 'BOVINE GALECTIN-1'
2 branched beta-D-galactopyranose-(1-4)-2-acetamido-2-deoxy-beta-D-glucopyranose-(1-2)-alpha-D-mannopyranose-(1-3)-[beta-D-galactopyranose-(1-4)-2-acetamido-2-deoxy-beta-D-glucopyranose-(1-2)-alpha-D-mannopyranose-(1-6)]beta-D-mannopyranose-(1-4)-2-acetamido-2-deoxy-beta-D-glucopyranose
3 water water
#
_entity_poly.entity_id   1
_entity_poly.type   'polypeptide(L)'
_entity_poly.pdbx_seq_one_letter_code
;ACGLVASNLNLKPGECLRVRGEVAADAKSFLLNLGKDDNNLCLHFNPRFNAHGDVNTIVCNSKDAGAWGAEQRESAFPFQ
PGSVVEVCISFNQTDLTIKLPDGYEFKFPNRLNLEAINYLSAGGDFKIKCVAFE
;
_entity_poly.pdbx_strand_id   A,B
#
loop_
_chem_comp.id
_chem_comp.type
_chem_comp.name
_chem_comp.formula
BMA D-saccharide, beta linking beta-D-mannopyranose 'C6 H12 O6'
GAL D-saccharide, beta linking beta-D-galactopyranose 'C6 H12 O6'
MAN D-saccharide, alpha linking alpha-D-mannopyranose 'C6 H12 O6'
NAG D-saccharide, beta linking 2-acetamido-2-deoxy-beta-D-glucopyranose 'C8 H15 N O6'
#
# COMPACT_ATOMS: atom_id res chain seq x y z
N ALA A 1 -15.79 8.81 3.15
CA ALA A 1 -14.38 9.15 2.88
C ALA A 1 -13.67 7.92 2.31
N CYS A 2 -12.71 8.17 1.42
CA CYS A 2 -11.95 7.10 0.80
C CYS A 2 -10.46 7.35 0.83
N GLY A 3 -9.73 6.33 1.29
CA GLY A 3 -8.29 6.44 1.37
C GLY A 3 -7.60 5.58 0.31
N LEU A 4 -6.46 5.04 0.70
CA LEU A 4 -5.63 4.21 -0.18
C LEU A 4 -6.40 3.11 -0.91
N VAL A 5 -6.17 3.05 -2.22
CA VAL A 5 -6.78 2.04 -3.08
C VAL A 5 -5.58 1.28 -3.63
N ALA A 6 -5.33 0.09 -3.14
CA ALA A 6 -4.19 -0.71 -3.60
C ALA A 6 -4.60 -1.79 -4.58
N SER A 7 -4.04 -1.71 -5.77
CA SER A 7 -4.32 -2.68 -6.81
C SER A 7 -3.04 -3.46 -7.08
N ASN A 8 -3.20 -4.57 -7.79
CA ASN A 8 -2.08 -5.43 -8.14
C ASN A 8 -1.41 -6.19 -7.01
N LEU A 9 -2.08 -6.27 -5.86
CA LEU A 9 -1.54 -7.05 -4.75
C LEU A 9 -1.61 -8.45 -5.36
N ASN A 10 -0.91 -9.41 -4.77
CA ASN A 10 -1.00 -10.76 -5.31
C ASN A 10 -1.02 -11.70 -4.14
N LEU A 11 -1.90 -11.40 -3.19
CA LEU A 11 -2.03 -12.18 -1.97
C LEU A 11 -2.51 -13.58 -2.31
N LYS A 12 -1.69 -14.58 -1.97
CA LYS A 12 -2.00 -15.98 -2.22
C LYS A 12 -2.29 -16.67 -0.89
N PRO A 13 -2.89 -17.87 -0.91
CA PRO A 13 -3.22 -18.61 0.31
C PRO A 13 -2.00 -18.77 1.21
N GLY A 14 -2.19 -18.59 2.51
CA GLY A 14 -1.09 -18.70 3.45
C GLY A 14 -0.27 -17.43 3.62
N GLU A 15 -0.40 -16.45 2.73
CA GLU A 15 0.34 -15.20 2.86
C GLU A 15 -0.49 -14.25 3.72
N CYS A 16 0.15 -13.59 4.67
CA CYS A 16 -0.56 -12.70 5.58
C CYS A 16 -0.54 -11.22 5.21
N LEU A 17 -1.70 -10.58 5.21
CA LEU A 17 -1.80 -9.15 4.93
C LEU A 17 -2.02 -8.51 6.27
N ARG A 18 -1.17 -7.54 6.62
CA ARG A 18 -1.28 -6.86 7.91
C ARG A 18 -1.47 -5.35 7.70
N VAL A 19 -2.57 -4.82 8.20
CA VAL A 19 -2.87 -3.39 8.08
C VAL A 19 -2.91 -2.76 9.46
N ARG A 20 -2.21 -1.64 9.62
CA ARG A 20 -2.15 -0.90 10.87
C ARG A 20 -2.57 0.51 10.53
N GLY A 21 -3.41 1.13 11.35
CA GLY A 21 -3.86 2.47 11.05
C GLY A 21 -4.47 3.14 12.27
N GLU A 22 -4.90 4.39 12.10
CA GLU A 22 -5.50 5.13 13.20
C GLU A 22 -6.98 5.37 12.99
N VAL A 23 -7.76 5.10 14.03
CA VAL A 23 -9.21 5.31 14.01
C VAL A 23 -9.48 6.73 14.51
N ALA A 24 -10.33 7.46 13.80
CA ALA A 24 -10.67 8.84 14.17
C ALA A 24 -11.21 8.91 15.60
N ALA A 25 -11.03 10.07 16.23
CA ALA A 25 -11.47 10.28 17.61
C ALA A 25 -12.99 10.28 17.79
N ASP A 26 -13.72 10.44 16.68
CA ASP A 26 -15.18 10.47 16.70
C ASP A 26 -15.67 9.62 15.54
N ALA A 27 -15.14 8.40 15.46
CA ALA A 27 -15.46 7.47 14.38
C ALA A 27 -16.84 6.83 14.42
N LYS A 28 -17.59 7.05 13.35
CA LYS A 28 -18.92 6.48 13.19
C LYS A 28 -18.66 5.00 12.82
N SER A 29 -17.68 4.80 11.94
CA SER A 29 -17.28 3.47 11.47
C SER A 29 -16.11 3.55 10.46
N PHE A 30 -15.55 2.41 10.11
CA PHE A 30 -14.45 2.35 9.13
C PHE A 30 -14.47 0.99 8.46
N LEU A 31 -13.95 0.93 7.23
CA LEU A 31 -13.95 -0.32 6.49
C LEU A 31 -12.66 -0.68 5.73
N LEU A 32 -12.61 -1.94 5.32
CA LEU A 32 -11.51 -2.51 4.56
C LEU A 32 -12.15 -3.44 3.55
N ASN A 33 -11.90 -3.20 2.27
CA ASN A 33 -12.45 -4.05 1.22
C ASN A 33 -11.35 -4.74 0.46
N LEU A 34 -11.39 -6.08 0.40
CA LEU A 34 -10.39 -6.84 -0.35
C LEU A 34 -11.10 -7.72 -1.37
N GLY A 35 -10.46 -7.95 -2.51
CA GLY A 35 -11.08 -8.79 -3.52
C GLY A 35 -10.41 -8.57 -4.86
N LYS A 36 -11.19 -8.72 -5.94
CA LYS A 36 -10.69 -8.55 -7.31
C LYS A 36 -10.88 -7.13 -7.86
N ASP A 37 -11.90 -6.43 -7.35
CA ASP A 37 -12.20 -5.06 -7.75
C ASP A 37 -13.32 -4.53 -6.86
N ASP A 38 -13.76 -3.30 -7.11
CA ASP A 38 -14.81 -2.67 -6.30
C ASP A 38 -16.15 -3.37 -6.27
N ASN A 39 -16.44 -4.15 -7.30
CA ASN A 39 -17.72 -4.85 -7.38
C ASN A 39 -17.61 -6.36 -7.14
N ASN A 40 -16.41 -6.82 -6.74
CA ASN A 40 -16.19 -8.24 -6.47
C ASN A 40 -15.28 -8.39 -5.24
N LEU A 41 -15.87 -8.29 -4.06
CA LEU A 41 -15.14 -8.40 -2.81
C LEU A 41 -15.40 -9.71 -2.09
N CYS A 42 -14.37 -10.31 -1.52
CA CYS A 42 -14.53 -11.55 -0.76
C CYS A 42 -14.65 -11.20 0.72
N LEU A 43 -14.25 -9.99 1.09
CA LEU A 43 -14.35 -9.55 2.47
C LEU A 43 -14.53 -8.03 2.58
N HIS A 44 -15.68 -7.63 3.09
CA HIS A 44 -15.99 -6.22 3.33
C HIS A 44 -16.00 -6.19 4.85
N PHE A 45 -14.83 -5.93 5.43
CA PHE A 45 -14.64 -5.87 6.87
C PHE A 45 -15.06 -4.46 7.27
N ASN A 46 -16.15 -4.35 8.02
CA ASN A 46 -16.66 -3.04 8.40
C ASN A 46 -17.07 -2.86 9.86
N PRO A 47 -16.10 -2.59 10.75
CA PRO A 47 -16.38 -2.39 12.17
C PRO A 47 -17.24 -1.14 12.37
N ARG A 48 -18.49 -1.34 12.83
CA ARG A 48 -19.40 -0.23 13.07
C ARG A 48 -19.44 0.22 14.53
N PHE A 49 -19.11 1.48 14.77
CA PHE A 49 -19.11 2.07 16.12
C PHE A 49 -20.53 2.55 16.43
N ASN A 50 -21.11 3.27 15.47
CA ASN A 50 -22.45 3.81 15.63
C ASN A 50 -22.99 4.21 14.26
N ALA A 51 -23.48 3.22 13.50
CA ALA A 51 -24.04 3.49 12.19
C ALA A 51 -24.80 2.33 11.55
N HIS A 52 -25.55 2.66 10.51
CA HIS A 52 -26.34 1.70 9.73
C HIS A 52 -27.19 0.75 10.57
N GLY A 53 -27.72 1.25 11.68
CA GLY A 53 -28.51 0.42 12.55
C GLY A 53 -27.62 -0.59 13.26
N ASP A 54 -26.46 -0.11 13.73
CA ASP A 54 -25.48 -0.94 14.44
C ASP A 54 -24.68 -0.09 15.41
N VAL A 55 -24.36 -0.67 16.55
CA VAL A 55 -23.58 0.00 17.58
C VAL A 55 -22.53 -1.00 18.06
N ASN A 56 -21.26 -0.57 18.04
CA ASN A 56 -20.14 -1.41 18.44
C ASN A 56 -20.25 -2.87 18.01
N THR A 57 -20.45 -3.06 16.72
CA THR A 57 -20.58 -4.40 16.14
C THR A 57 -19.85 -4.44 14.81
N ILE A 58 -19.09 -5.51 14.59
CA ILE A 58 -18.33 -5.67 13.36
C ILE A 58 -19.22 -6.36 12.31
N VAL A 59 -19.34 -5.75 11.14
CA VAL A 59 -20.14 -6.35 10.07
C VAL A 59 -19.24 -6.73 8.91
N CYS A 60 -19.34 -7.96 8.45
CA CYS A 60 -18.54 -8.42 7.33
C CYS A 60 -19.53 -8.86 6.26
N ASN A 61 -19.09 -8.89 5.00
CA ASN A 61 -19.97 -9.32 3.91
C ASN A 61 -19.18 -9.41 2.62
N SER A 62 -19.68 -10.19 1.67
CA SER A 62 -19.05 -10.33 0.38
C SER A 62 -19.82 -9.43 -0.58
N LYS A 63 -19.45 -9.46 -1.86
CA LYS A 63 -20.10 -8.62 -2.86
C LYS A 63 -19.72 -9.10 -4.25
N ASP A 64 -20.63 -9.86 -4.86
CA ASP A 64 -20.41 -10.39 -6.18
C ASP A 64 -21.17 -9.49 -7.16
N ALA A 65 -20.49 -9.09 -8.23
CA ALA A 65 -21.08 -8.23 -9.25
C ALA A 65 -21.94 -7.11 -8.68
N GLY A 66 -21.48 -6.51 -7.59
CA GLY A 66 -22.21 -5.42 -6.97
C GLY A 66 -23.23 -5.84 -5.95
N ALA A 67 -23.80 -7.03 -6.12
CA ALA A 67 -24.81 -7.54 -5.20
C ALA A 67 -24.21 -7.92 -3.87
N TRP A 68 -24.69 -7.31 -2.80
CA TRP A 68 -24.18 -7.68 -1.49
C TRP A 68 -24.65 -9.11 -1.21
N GLY A 69 -24.22 -9.67 -0.09
CA GLY A 69 -24.61 -11.01 0.26
C GLY A 69 -25.11 -11.06 1.68
N ALA A 70 -25.21 -12.26 2.23
CA ALA A 70 -25.67 -12.40 3.59
C ALA A 70 -24.65 -11.81 4.55
N GLU A 71 -25.09 -10.89 5.39
CA GLU A 71 -24.19 -10.26 6.35
C GLU A 71 -23.83 -11.25 7.46
N GLN A 72 -22.80 -10.92 8.21
CA GLN A 72 -22.36 -11.75 9.33
C GLN A 72 -21.87 -10.75 10.38
N ARG A 73 -22.18 -10.98 11.63
CA ARG A 73 -21.75 -10.05 12.65
C ARG A 73 -20.93 -10.72 13.71
N GLU A 74 -20.08 -9.92 14.36
CA GLU A 74 -19.21 -10.37 15.43
C GLU A 74 -19.37 -9.39 16.58
N SER A 75 -19.66 -9.92 17.77
CA SER A 75 -19.86 -9.10 18.94
C SER A 75 -18.53 -8.56 19.49
N ALA A 76 -17.43 -9.23 19.15
CA ALA A 76 -16.12 -8.81 19.61
C ALA A 76 -15.78 -7.47 18.96
N PHE A 77 -15.51 -6.46 19.77
CA PHE A 77 -15.20 -5.14 19.24
C PHE A 77 -14.08 -4.47 20.05
N PRO A 78 -12.82 -4.89 19.82
CA PRO A 78 -11.64 -4.35 20.53
C PRO A 78 -11.20 -2.96 20.02
N PHE A 79 -12.10 -2.21 19.40
CA PHE A 79 -11.74 -0.91 18.86
C PHE A 79 -12.17 0.28 19.70
N GLN A 80 -11.19 1.08 20.11
CA GLN A 80 -11.42 2.27 20.93
C GLN A 80 -11.27 3.48 20.02
N PRO A 81 -12.34 4.29 19.87
CA PRO A 81 -12.24 5.46 18.98
C PRO A 81 -10.98 6.29 19.28
N GLY A 82 -10.27 6.67 18.21
CA GLY A 82 -9.04 7.43 18.40
C GLY A 82 -7.93 6.55 18.93
N SER A 83 -7.43 5.64 18.10
CA SER A 83 -6.34 4.74 18.50
C SER A 83 -5.78 4.01 17.29
N VAL A 84 -4.50 3.64 17.37
CA VAL A 84 -3.82 2.93 16.29
C VAL A 84 -4.09 1.44 16.45
N VAL A 85 -4.87 0.88 15.52
CA VAL A 85 -5.23 -0.51 15.58
C VAL A 85 -4.55 -1.28 14.44
N GLU A 86 -4.65 -2.60 14.49
CA GLU A 86 -4.04 -3.45 13.47
C GLU A 86 -4.81 -4.75 13.33
N VAL A 87 -4.89 -5.25 12.10
CA VAL A 87 -5.57 -6.49 11.81
C VAL A 87 -4.75 -7.30 10.81
N CYS A 88 -4.92 -8.61 10.80
CA CYS A 88 -4.22 -9.49 9.89
C CYS A 88 -5.26 -10.31 9.15
N ILE A 89 -5.00 -10.58 7.88
CA ILE A 89 -5.92 -11.34 7.08
C ILE A 89 -5.19 -12.30 6.16
N SER A 90 -5.52 -13.59 6.28
CA SER A 90 -4.93 -14.62 5.45
C SER A 90 -6.09 -15.45 4.97
N PHE A 91 -5.87 -16.30 3.98
CA PHE A 91 -6.97 -17.10 3.48
C PHE A 91 -6.58 -18.43 2.85
N ASN A 92 -7.60 -19.25 2.63
CA ASN A 92 -7.47 -20.56 1.99
C ASN A 92 -8.70 -20.66 1.09
N GLN A 93 -8.87 -21.79 0.41
CA GLN A 93 -10.01 -21.98 -0.49
C GLN A 93 -11.40 -22.03 0.14
N THR A 94 -11.47 -22.24 1.46
CA THR A 94 -12.76 -22.31 2.13
C THR A 94 -13.17 -21.04 2.88
N ASP A 95 -12.21 -20.33 3.47
CA ASP A 95 -12.53 -19.12 4.20
C ASP A 95 -11.35 -18.26 4.63
N LEU A 96 -11.63 -17.02 4.96
CA LEU A 96 -10.63 -16.06 5.38
C LEU A 96 -10.61 -16.04 6.90
N THR A 97 -9.48 -15.63 7.47
CA THR A 97 -9.29 -15.54 8.91
C THR A 97 -8.87 -14.11 9.23
N ILE A 98 -9.59 -13.47 10.14
CA ILE A 98 -9.30 -12.10 10.53
C ILE A 98 -8.84 -12.10 11.98
N LYS A 99 -7.67 -11.54 12.24
CA LYS A 99 -7.16 -11.48 13.59
C LYS A 99 -7.22 -10.03 14.05
N LEU A 100 -7.94 -9.82 15.14
CA LEU A 100 -8.13 -8.50 15.72
C LEU A 100 -7.01 -8.15 16.69
N PRO A 101 -6.85 -6.84 17.01
CA PRO A 101 -5.83 -6.33 17.91
C PRO A 101 -5.64 -6.98 19.28
N ASP A 102 -6.65 -7.66 19.80
CA ASP A 102 -6.53 -8.27 21.12
C ASP A 102 -6.42 -9.79 21.07
N GLY A 103 -5.88 -10.32 19.98
CA GLY A 103 -5.74 -11.76 19.88
C GLY A 103 -6.95 -12.47 19.33
N TYR A 104 -8.13 -11.88 19.46
CA TYR A 104 -9.34 -12.52 18.92
C TYR A 104 -9.12 -12.84 17.45
N GLU A 105 -9.70 -13.95 17.01
CA GLU A 105 -9.53 -14.40 15.65
C GLU A 105 -10.80 -15.12 15.18
N PHE A 106 -11.36 -14.68 14.06
CA PHE A 106 -12.58 -15.30 13.54
C PHE A 106 -12.46 -15.56 12.04
N LYS A 107 -13.41 -16.30 11.48
CA LYS A 107 -13.37 -16.64 10.06
C LYS A 107 -14.59 -16.14 9.29
N PHE A 108 -14.48 -16.10 7.97
CA PHE A 108 -15.57 -15.66 7.10
C PHE A 108 -15.41 -16.47 5.81
N PRO A 109 -16.45 -17.24 5.42
CA PRO A 109 -16.36 -18.05 4.20
C PRO A 109 -15.95 -17.32 2.94
N ASN A 110 -15.09 -17.95 2.17
CA ASN A 110 -14.62 -17.39 0.91
C ASN A 110 -15.72 -17.72 -0.10
N ARG A 111 -16.81 -16.98 -0.03
CA ARG A 111 -17.94 -17.20 -0.92
C ARG A 111 -17.62 -17.12 -2.40
N LEU A 112 -16.66 -16.29 -2.78
CA LEU A 112 -16.30 -16.16 -4.18
C LEU A 112 -15.28 -17.17 -4.67
N ASN A 113 -14.80 -18.03 -3.77
CA ASN A 113 -13.81 -19.04 -4.12
C ASN A 113 -12.67 -18.39 -4.90
N LEU A 114 -12.09 -17.36 -4.29
CA LEU A 114 -10.99 -16.59 -4.88
C LEU A 114 -9.67 -17.36 -4.83
N GLU A 115 -8.85 -17.18 -5.87
CA GLU A 115 -7.56 -17.84 -5.93
C GLU A 115 -6.40 -16.93 -5.52
N ALA A 116 -6.69 -15.62 -5.44
CA ALA A 116 -5.73 -14.59 -5.06
C ALA A 116 -6.48 -13.30 -4.87
N ILE A 117 -5.98 -12.46 -3.97
CA ILE A 117 -6.60 -11.17 -3.71
C ILE A 117 -5.74 -10.08 -4.34
N ASN A 118 -6.28 -9.40 -5.35
CA ASN A 118 -5.56 -8.34 -6.04
C ASN A 118 -6.01 -6.92 -5.73
N TYR A 119 -6.98 -6.75 -4.84
CA TYR A 119 -7.51 -5.42 -4.55
C TYR A 119 -7.69 -5.18 -3.07
N LEU A 120 -7.45 -3.94 -2.64
CA LEU A 120 -7.62 -3.53 -1.24
C LEU A 120 -8.06 -2.09 -1.28
N SER A 121 -8.90 -1.70 -0.33
CA SER A 121 -9.42 -0.34 -0.31
C SER A 121 -9.83 0.02 1.10
N ALA A 122 -9.31 1.13 1.61
CA ALA A 122 -9.65 1.61 2.95
C ALA A 122 -10.74 2.65 2.78
N GLY A 123 -11.55 2.84 3.82
CA GLY A 123 -12.61 3.82 3.75
C GLY A 123 -13.15 4.10 5.14
N GLY A 124 -13.71 5.28 5.33
CA GLY A 124 -14.25 5.62 6.64
C GLY A 124 -13.31 6.43 7.49
N ASP A 125 -13.55 6.42 8.78
CA ASP A 125 -12.73 7.19 9.71
C ASP A 125 -11.54 6.36 10.14
N PHE A 126 -10.66 6.13 9.17
CA PHE A 126 -9.46 5.31 9.34
C PHE A 126 -8.31 5.86 8.46
N LYS A 127 -7.19 6.16 9.09
CA LYS A 127 -6.02 6.67 8.38
C LYS A 127 -4.99 5.54 8.41
N ILE A 128 -4.67 4.99 7.25
CA ILE A 128 -3.70 3.90 7.18
C ILE A 128 -2.26 4.41 7.40
N LYS A 129 -1.56 3.70 8.28
CA LYS A 129 -0.18 4.03 8.62
C LYS A 129 0.80 3.02 8.04
N CYS A 130 0.36 1.77 7.89
CA CYS A 130 1.26 0.72 7.41
C CYS A 130 0.51 -0.47 6.81
N VAL A 131 1.06 -1.03 5.73
CA VAL A 131 0.52 -2.20 5.04
C VAL A 131 1.70 -3.14 4.84
N ALA A 132 1.63 -4.34 5.38
CA ALA A 132 2.71 -5.29 5.28
C ALA A 132 2.28 -6.65 4.75
N PHE A 133 3.17 -7.28 4.00
CA PHE A 133 2.92 -8.59 3.43
C PHE A 133 3.88 -9.56 4.09
N GLU A 134 3.34 -10.64 4.64
CA GLU A 134 4.15 -11.62 5.34
C GLU A 134 3.71 -13.08 5.10
N ALA B 1 1.29 -0.93 -14.31
CA ALA B 1 2.55 -1.40 -13.67
C ALA B 1 2.31 -2.83 -13.21
N CYS B 2 3.25 -3.74 -13.46
CA CYS B 2 3.04 -5.11 -13.01
C CYS B 2 3.50 -5.38 -11.58
N GLY B 3 3.50 -4.33 -10.78
CA GLY B 3 3.86 -4.48 -9.39
C GLY B 3 2.79 -3.72 -8.64
N LEU B 4 2.91 -3.66 -7.32
CA LEU B 4 1.95 -2.96 -6.50
C LEU B 4 1.64 -1.57 -7.08
N VAL B 5 0.38 -1.14 -6.95
CA VAL B 5 -0.06 0.19 -7.39
C VAL B 5 -0.98 0.72 -6.30
N ALA B 6 -0.60 1.83 -5.67
CA ALA B 6 -1.42 2.40 -4.62
C ALA B 6 -1.83 3.78 -5.10
N SER B 7 -3.12 4.08 -5.05
CA SER B 7 -3.62 5.36 -5.52
C SER B 7 -4.47 6.01 -4.45
N ASN B 8 -4.89 7.24 -4.71
CA ASN B 8 -5.73 7.97 -3.77
C ASN B 8 -5.00 8.09 -2.44
N LEU B 9 -3.72 8.40 -2.52
CA LEU B 9 -2.85 8.54 -1.35
C LEU B 9 -2.93 9.87 -0.62
N ASN B 10 -2.92 10.97 -1.37
CA ASN B 10 -2.99 12.29 -0.76
C ASN B 10 -1.88 12.56 0.25
N LEU B 11 -0.64 12.25 -0.15
CA LEU B 11 0.53 12.46 0.68
C LEU B 11 0.82 13.96 0.60
N LYS B 12 1.04 14.61 1.75
CA LYS B 12 1.28 16.05 1.80
C LYS B 12 2.70 16.40 2.26
N PRO B 13 3.20 17.60 1.91
CA PRO B 13 4.54 18.05 2.30
C PRO B 13 4.76 17.87 3.78
N GLY B 14 5.96 17.45 4.16
CA GLY B 14 6.24 17.20 5.56
C GLY B 14 5.94 15.76 5.92
N GLU B 15 5.36 15.01 4.97
CA GLU B 15 5.04 13.62 5.19
C GLU B 15 6.06 12.69 4.53
N CYS B 16 6.40 11.62 5.23
CA CYS B 16 7.39 10.66 4.78
C CYS B 16 6.79 9.36 4.22
N LEU B 17 7.53 8.68 3.35
CA LEU B 17 7.10 7.42 2.74
C LEU B 17 8.21 6.39 2.97
N ARG B 18 7.90 5.26 3.60
CA ARG B 18 8.93 4.26 3.83
C ARG B 18 8.58 2.95 3.09
N VAL B 19 9.42 2.56 2.15
CA VAL B 19 9.19 1.38 1.34
C VAL B 19 10.26 0.32 1.56
N ARG B 20 9.85 -0.84 2.05
CA ARG B 20 10.75 -1.95 2.31
C ARG B 20 10.37 -3.04 1.33
N GLY B 21 11.35 -3.60 0.63
CA GLY B 21 11.09 -4.65 -0.33
C GLY B 21 12.18 -5.70 -0.37
N GLU B 22 12.11 -6.62 -1.32
CA GLU B 22 13.11 -7.67 -1.43
C GLU B 22 13.63 -7.73 -2.86
N VAL B 23 14.93 -7.49 -3.02
CA VAL B 23 15.59 -7.48 -4.32
C VAL B 23 15.79 -8.90 -4.84
N ALA B 24 15.36 -9.15 -6.08
CA ALA B 24 15.47 -10.46 -6.70
C ALA B 24 16.92 -10.91 -6.78
N ALA B 25 17.15 -12.18 -6.45
CA ALA B 25 18.48 -12.76 -6.47
C ALA B 25 19.24 -12.52 -7.77
N ASP B 26 18.51 -12.24 -8.84
CA ASP B 26 19.13 -12.00 -10.13
C ASP B 26 18.69 -10.67 -10.73
N ALA B 27 18.56 -9.66 -9.87
CA ALA B 27 18.13 -8.34 -10.29
C ALA B 27 19.00 -7.64 -11.32
N LYS B 28 18.35 -6.91 -12.23
CA LYS B 28 19.03 -6.15 -13.26
C LYS B 28 18.63 -4.69 -13.12
N SER B 29 17.61 -4.43 -12.29
CA SER B 29 17.08 -3.10 -11.99
C SER B 29 15.71 -3.21 -11.37
N PHE B 30 15.31 -2.19 -10.62
CA PHE B 30 13.99 -2.15 -10.01
C PHE B 30 13.63 -0.69 -9.87
N LEU B 31 12.34 -0.37 -9.69
CA LEU B 31 11.95 1.02 -9.58
C LEU B 31 10.77 1.33 -8.67
N LEU B 32 10.66 2.61 -8.32
CA LEU B 32 9.58 3.12 -7.50
C LEU B 32 9.12 4.38 -8.17
N ASN B 33 7.85 4.45 -8.56
CA ASN B 33 7.31 5.64 -9.22
C ASN B 33 6.38 6.40 -8.28
N LEU B 34 6.39 7.74 -8.36
CA LEU B 34 5.54 8.57 -7.53
C LEU B 34 5.09 9.79 -8.30
N GLY B 35 3.88 10.25 -8.03
CA GLY B 35 3.37 11.42 -8.72
C GLY B 35 1.86 11.50 -8.70
N LYS B 36 1.28 11.91 -9.82
CA LYS B 36 -0.18 12.03 -9.97
C LYS B 36 -0.71 10.75 -10.62
N ASP B 37 0.03 10.29 -11.62
CA ASP B 37 -0.30 9.09 -12.37
C ASP B 37 0.93 8.65 -13.16
N ASP B 38 0.82 7.50 -13.81
CA ASP B 38 1.93 6.94 -14.57
C ASP B 38 2.53 7.92 -15.58
N ASN B 39 1.75 8.90 -16.02
CA ASN B 39 2.23 9.89 -17.01
C ASN B 39 2.70 11.22 -16.44
N ASN B 40 2.55 11.41 -15.14
CA ASN B 40 2.97 12.64 -14.47
C ASN B 40 3.60 12.26 -13.15
N LEU B 41 4.90 11.96 -13.24
CA LEU B 41 5.73 11.50 -12.12
C LEU B 41 6.70 12.52 -11.56
N CYS B 42 6.63 12.77 -10.26
CA CYS B 42 7.54 13.71 -9.64
C CYS B 42 8.86 13.00 -9.35
N LEU B 43 8.83 11.66 -9.33
CA LEU B 43 10.02 10.86 -9.05
C LEU B 43 9.97 9.45 -9.57
N HIS B 44 10.93 9.11 -10.43
CA HIS B 44 11.12 7.78 -11.01
C HIS B 44 12.47 7.36 -10.43
N PHE B 45 12.45 6.53 -9.40
CA PHE B 45 13.63 6.04 -8.68
C PHE B 45 14.06 4.70 -9.30
N ASN B 46 15.09 4.72 -10.14
CA ASN B 46 15.52 3.49 -10.82
C ASN B 46 16.94 3.00 -10.59
N PRO B 47 17.17 2.16 -9.58
CA PRO B 47 18.50 1.61 -9.30
C PRO B 47 18.78 0.51 -10.32
N ARG B 48 19.68 0.77 -11.27
CA ARG B 48 20.01 -0.22 -12.28
C ARG B 48 21.28 -0.99 -11.92
N PHE B 49 21.12 -2.28 -11.57
CA PHE B 49 22.25 -3.13 -11.24
C PHE B 49 23.11 -3.32 -12.48
N ASN B 50 22.43 -3.50 -13.60
CA ASN B 50 23.04 -3.67 -14.91
C ASN B 50 21.88 -3.72 -15.92
N ALA B 51 21.50 -2.56 -16.42
CA ALA B 51 20.41 -2.46 -17.36
C ALA B 51 20.44 -1.09 -18.03
N HIS B 52 19.95 -1.03 -19.27
CA HIS B 52 19.91 0.21 -20.03
C HIS B 52 21.27 0.90 -20.10
N GLY B 53 22.33 0.09 -20.21
CA GLY B 53 23.69 0.61 -20.32
C GLY B 53 24.37 1.05 -19.03
N ASP B 54 23.70 0.86 -17.89
CA ASP B 54 24.26 1.25 -16.61
C ASP B 54 24.66 0.07 -15.74
N VAL B 55 25.58 0.33 -14.82
CA VAL B 55 26.07 -0.69 -13.89
C VAL B 55 26.20 -0.02 -12.54
N ASN B 56 25.62 -0.64 -11.52
CA ASN B 56 25.68 -0.12 -10.17
C ASN B 56 25.51 1.40 -10.05
N THR B 57 24.44 1.91 -10.64
CA THR B 57 24.12 3.34 -10.56
C THR B 57 22.60 3.57 -10.45
N ILE B 58 22.23 4.65 -9.77
CA ILE B 58 20.84 5.06 -9.57
C ILE B 58 20.43 6.16 -10.55
N VAL B 59 19.37 5.94 -11.31
CA VAL B 59 18.87 6.94 -12.25
C VAL B 59 17.55 7.51 -11.77
N CYS B 60 17.53 8.81 -11.49
CA CYS B 60 16.32 9.50 -11.04
C CYS B 60 15.86 10.39 -12.19
N ASN B 61 14.55 10.50 -12.36
CA ASN B 61 14.00 11.33 -13.44
C ASN B 61 12.56 11.71 -13.12
N SER B 62 12.01 12.64 -13.88
CA SER B 62 10.63 13.05 -13.72
C SER B 62 9.93 12.75 -15.05
N LYS B 63 8.61 12.83 -15.06
CA LYS B 63 7.88 12.62 -16.29
C LYS B 63 6.74 13.62 -16.26
N ASP B 64 6.70 14.47 -17.28
CA ASP B 64 5.65 15.47 -17.35
C ASP B 64 4.85 15.14 -18.60
N ALA B 65 3.60 14.75 -18.41
CA ALA B 65 2.70 14.42 -19.51
C ALA B 65 3.31 13.42 -20.47
N GLY B 66 3.83 12.32 -19.93
CA GLY B 66 4.42 11.30 -20.77
C GLY B 66 5.84 11.54 -21.22
N ALA B 67 6.29 12.80 -21.22
CA ALA B 67 7.64 13.11 -21.65
C ALA B 67 8.63 13.05 -20.48
N TRP B 68 9.62 12.17 -20.59
CA TRP B 68 10.67 12.03 -19.57
C TRP B 68 11.45 13.34 -19.48
N GLY B 69 12.03 13.60 -18.32
CA GLY B 69 12.82 14.80 -18.14
C GLY B 69 14.30 14.48 -18.22
N ALA B 70 15.13 15.41 -17.74
CA ALA B 70 16.58 15.25 -17.75
C ALA B 70 16.99 14.38 -16.56
N GLU B 71 17.69 13.29 -16.83
CA GLU B 71 18.11 12.37 -15.78
C GLU B 71 19.11 12.90 -14.77
N GLN B 72 19.05 12.34 -13.56
CA GLN B 72 19.96 12.70 -12.47
C GLN B 72 20.51 11.40 -11.93
N ARG B 73 21.77 11.16 -12.21
CA ARG B 73 22.44 9.93 -11.79
C ARG B 73 23.15 10.07 -10.44
N GLU B 74 23.18 8.98 -9.67
CA GLU B 74 23.82 8.94 -8.37
C GLU B 74 24.71 7.71 -8.35
N SER B 75 25.88 7.83 -7.72
CA SER B 75 26.85 6.73 -7.64
C SER B 75 26.70 5.91 -6.39
N ALA B 76 26.27 6.51 -5.29
CA ALA B 76 26.07 5.74 -4.06
C ALA B 76 25.16 4.58 -4.42
N PHE B 77 25.53 3.36 -4.09
CA PHE B 77 24.70 2.23 -4.46
C PHE B 77 24.78 1.07 -3.47
N PRO B 78 24.17 1.23 -2.28
CA PRO B 78 24.18 0.18 -1.25
C PRO B 78 23.10 -0.89 -1.47
N PHE B 79 23.08 -1.50 -2.65
CA PHE B 79 22.07 -2.51 -2.96
C PHE B 79 22.74 -3.78 -3.47
N GLN B 80 22.27 -4.91 -2.98
CA GLN B 80 22.83 -6.21 -3.37
C GLN B 80 21.71 -7.11 -3.84
N PRO B 81 21.97 -7.93 -4.87
CA PRO B 81 20.92 -8.82 -5.34
C PRO B 81 20.60 -9.80 -4.22
N GLY B 82 19.34 -10.21 -4.14
CA GLY B 82 18.91 -11.16 -3.15
C GLY B 82 18.75 -10.67 -1.72
N SER B 83 18.72 -9.37 -1.50
CA SER B 83 18.56 -8.87 -0.13
C SER B 83 17.32 -8.01 0.11
N VAL B 84 16.97 -7.82 1.38
CA VAL B 84 15.84 -6.98 1.75
C VAL B 84 16.40 -5.55 1.75
N VAL B 85 15.65 -4.62 1.18
CA VAL B 85 16.08 -3.23 1.07
C VAL B 85 15.03 -2.26 1.58
N GLU B 86 15.48 -1.14 2.14
CA GLU B 86 14.57 -0.14 2.64
C GLU B 86 15.01 1.27 2.27
N VAL B 87 14.16 1.97 1.52
CA VAL B 87 14.44 3.34 1.11
C VAL B 87 13.36 4.18 1.75
N CYS B 88 13.61 5.48 1.86
CA CYS B 88 12.66 6.39 2.48
C CYS B 88 12.64 7.69 1.70
N ILE B 89 11.45 8.13 1.31
CA ILE B 89 11.29 9.34 0.52
C ILE B 89 10.48 10.40 1.25
N SER B 90 11.07 11.57 1.44
CA SER B 90 10.40 12.68 2.11
C SER B 90 9.89 13.69 1.09
N PHE B 91 8.64 14.07 1.24
CA PHE B 91 8.03 15.02 0.33
C PHE B 91 8.10 16.41 0.95
N ASN B 92 8.58 17.35 0.17
CA ASN B 92 8.70 18.73 0.62
C ASN B 92 8.15 19.53 -0.57
N GLN B 93 8.08 20.85 -0.45
CA GLN B 93 7.53 21.64 -1.54
C GLN B 93 8.39 21.81 -2.78
N THR B 94 9.60 22.33 -2.60
CA THR B 94 10.51 22.56 -3.73
C THR B 94 11.28 21.35 -4.22
N ASP B 95 11.38 20.32 -3.39
CA ASP B 95 12.08 19.10 -3.79
C ASP B 95 11.79 17.91 -2.88
N LEU B 96 12.27 16.75 -3.27
CA LEU B 96 12.10 15.52 -2.51
C LEU B 96 13.47 15.15 -1.92
N THR B 97 13.49 14.39 -0.83
CA THR B 97 14.73 14.00 -0.17
C THR B 97 14.71 12.49 0.08
N ILE B 98 15.56 11.77 -0.66
CA ILE B 98 15.64 10.31 -0.58
C ILE B 98 16.78 9.81 0.32
N LYS B 99 16.47 8.87 1.21
CA LYS B 99 17.47 8.32 2.13
C LYS B 99 17.72 6.84 1.90
N LEU B 100 18.92 6.50 1.43
CA LEU B 100 19.30 5.12 1.13
C LEU B 100 19.68 4.36 2.40
N PRO B 101 19.72 3.02 2.33
CA PRO B 101 20.07 2.13 3.44
C PRO B 101 21.40 2.42 4.13
N ASP B 102 22.38 2.93 3.38
CA ASP B 102 23.70 3.21 3.97
C ASP B 102 23.76 4.58 4.65
N GLY B 103 22.62 5.26 4.71
CA GLY B 103 22.59 6.56 5.36
C GLY B 103 22.67 7.72 4.39
N TYR B 104 23.07 7.45 3.15
CA TYR B 104 23.19 8.52 2.16
C TYR B 104 21.82 9.14 1.95
N GLU B 105 21.83 10.43 1.75
CA GLU B 105 20.61 11.18 1.57
C GLU B 105 20.86 12.17 0.43
N PHE B 106 19.91 12.24 -0.51
CA PHE B 106 20.06 13.16 -1.62
C PHE B 106 18.73 13.80 -1.97
N LYS B 107 18.74 14.75 -2.89
CA LYS B 107 17.54 15.46 -3.32
C LYS B 107 17.26 15.38 -4.81
N PHE B 108 16.00 15.62 -5.15
CA PHE B 108 15.55 15.62 -6.53
C PHE B 108 14.59 16.79 -6.56
N PRO B 109 14.77 17.72 -7.51
CA PRO B 109 13.85 18.84 -7.55
C PRO B 109 12.41 18.46 -7.89
N ASN B 110 11.46 19.18 -7.30
CA ASN B 110 10.05 18.97 -7.56
C ASN B 110 9.71 19.78 -8.81
N ARG B 111 10.23 19.34 -9.95
CA ARG B 111 10.02 20.04 -11.21
C ARG B 111 8.56 20.29 -11.57
N LEU B 112 7.70 19.30 -11.33
CA LEU B 112 6.29 19.43 -11.66
C LEU B 112 5.53 20.39 -10.76
N ASN B 113 6.11 20.70 -9.60
CA ASN B 113 5.49 21.59 -8.63
C ASN B 113 4.25 20.98 -7.99
N LEU B 114 4.33 19.70 -7.61
CA LEU B 114 3.21 19.04 -6.98
C LEU B 114 3.15 19.43 -5.52
N GLU B 115 1.95 19.51 -4.97
CA GLU B 115 1.81 19.85 -3.56
C GLU B 115 1.05 18.73 -2.83
N ALA B 116 1.06 17.54 -3.45
CA ALA B 116 0.40 16.35 -2.93
C ALA B 116 0.68 15.19 -3.88
N ILE B 117 1.06 14.04 -3.32
CA ILE B 117 1.36 12.85 -4.12
C ILE B 117 0.20 11.89 -3.97
N ASN B 118 -0.29 11.38 -5.10
CA ASN B 118 -1.45 10.49 -5.11
C ASN B 118 -1.20 9.09 -5.64
N TYR B 119 -0.12 8.91 -6.39
CA TYR B 119 0.16 7.64 -7.03
C TYR B 119 1.53 7.08 -6.64
N LEU B 120 1.63 5.77 -6.56
CA LEU B 120 2.86 5.06 -6.21
C LEU B 120 2.81 3.68 -6.85
N SER B 121 3.85 3.29 -7.57
CA SER B 121 3.89 1.96 -8.17
C SER B 121 5.28 1.35 -8.03
N ALA B 122 5.35 0.05 -7.76
CA ALA B 122 6.62 -0.64 -7.64
C ALA B 122 6.80 -1.46 -8.91
N GLY B 123 8.04 -1.63 -9.36
CA GLY B 123 8.30 -2.38 -10.57
C GLY B 123 9.70 -2.97 -10.60
N GLY B 124 10.00 -3.77 -11.62
CA GLY B 124 11.31 -4.40 -11.71
C GLY B 124 11.45 -5.66 -10.86
N ASP B 125 12.69 -6.11 -10.69
CA ASP B 125 12.97 -7.31 -9.91
C ASP B 125 13.04 -6.92 -8.45
N PHE B 126 11.88 -6.71 -7.85
CA PHE B 126 11.79 -6.24 -6.47
C PHE B 126 10.36 -6.42 -5.97
N LYS B 127 10.18 -7.15 -4.86
CA LYS B 127 8.85 -7.36 -4.29
C LYS B 127 8.66 -6.65 -2.95
N ILE B 128 7.68 -5.76 -2.89
CA ILE B 128 7.39 -4.99 -1.68
C ILE B 128 6.88 -5.86 -0.54
N LYS B 129 7.39 -5.59 0.65
CA LYS B 129 7.00 -6.31 1.86
C LYS B 129 6.32 -5.39 2.85
N CYS B 130 6.59 -4.09 2.75
CA CYS B 130 6.02 -3.11 3.66
C CYS B 130 6.04 -1.71 3.09
N VAL B 131 4.89 -1.04 3.14
CA VAL B 131 4.80 0.35 2.68
C VAL B 131 4.19 1.07 3.87
N ALA B 132 4.94 2.01 4.45
CA ALA B 132 4.47 2.74 5.63
C ALA B 132 4.44 4.24 5.39
N PHE B 133 3.36 4.86 5.84
CA PHE B 133 3.20 6.30 5.67
C PHE B 133 3.48 6.91 7.03
N GLU B 134 4.08 8.10 7.04
CA GLU B 134 4.42 8.78 8.28
C GLU B 134 4.83 10.23 8.01
C1 NAG C . -36.39 -1.38 17.91
C2 NAG C . -36.65 0.03 17.41
C3 NAG C . -36.57 0.03 15.89
C4 NAG C . -35.22 -0.54 15.42
C5 NAG C . -34.85 -1.86 16.14
C6 NAG C . -33.37 -2.19 15.95
C7 NAG C . -38.24 1.76 18.03
C8 NAG C . -39.65 2.08 18.50
N2 NAG C . -37.96 0.47 17.86
O1 NAG C . -36.52 -1.43 19.28
O3 NAG C . -36.74 1.35 15.39
O4 NAG C . -35.25 -0.80 14.01
O5 NAG C . -35.06 -1.76 17.57
O6 NAG C . -32.55 -1.12 16.39
O7 NAG C . -37.41 2.66 17.84
C1 BMA C . -34.31 -0.18 13.19
C2 BMA C . -34.08 -1.03 11.95
C3 BMA C . -33.20 -0.30 10.91
C4 BMA C . -33.74 1.10 10.64
C5 BMA C . -33.97 1.86 11.96
C6 BMA C . -34.61 3.21 11.72
O2 BMA C . -35.33 -1.38 11.36
O3 BMA C . -33.20 -1.02 9.65
O4 BMA C . -32.81 1.82 9.83
O5 BMA C . -34.84 1.11 12.82
O6 BMA C . -35.64 3.13 10.69
C1 MAN C . -32.15 -1.93 9.42
C2 MAN C . -32.13 -2.29 7.93
C3 MAN C . -33.42 -3.05 7.61
C4 MAN C . -33.49 -4.30 8.49
C5 MAN C . -33.48 -3.87 9.95
C6 MAN C . -33.47 -5.05 10.90
O2 MAN C . -30.99 -3.13 7.63
O3 MAN C . -33.46 -3.41 6.23
O4 MAN C . -34.68 -5.02 8.21
O5 MAN C . -32.29 -3.10 10.23
O6 MAN C . -33.16 -4.64 12.22
C1 NAG C . -29.77 -2.50 7.40
C2 NAG C . -28.63 -3.42 7.80
C3 NAG C . -27.30 -2.69 7.55
C4 NAG C . -27.21 -2.25 6.08
C5 NAG C . -28.47 -1.45 5.70
C6 NAG C . -28.57 -1.08 4.23
C7 NAG C . -29.42 -4.87 9.57
C8 NAG C . -29.47 -5.15 11.06
N2 NAG C . -28.73 -3.79 9.21
O3 NAG C . -26.20 -3.53 7.87
O4 NAG C . -26.03 -1.41 5.92
O5 NAG C . -29.67 -2.20 6.01
O6 NAG C . -29.12 -2.15 3.47
O7 NAG C . -30.00 -5.60 8.76
C1 GAL C . -25.13 -1.69 4.88
C2 GAL C . -24.26 -0.45 4.64
C3 GAL C . -23.20 -0.74 3.58
C4 GAL C . -22.41 -2.00 3.93
C5 GAL C . -23.36 -3.16 4.25
C6 GAL C . -22.62 -4.38 4.74
O2 GAL C . -25.07 0.63 4.20
O3 GAL C . -22.30 0.35 3.47
O4 GAL C . -21.57 -1.74 5.04
O5 GAL C . -24.30 -2.78 5.28
O6 GAL C . -23.45 -5.52 4.72
C1 MAN C . -36.13 4.39 10.35
C2 MAN C . -37.34 4.29 9.40
C3 MAN C . -36.91 3.96 7.97
C4 MAN C . -35.85 4.95 7.53
C5 MAN C . -34.67 4.89 8.49
C6 MAN C . -33.57 5.86 8.11
O2 MAN C . -38.08 5.54 9.39
O3 MAN C . -38.04 4.07 7.11
O4 MAN C . -35.43 4.67 6.22
O5 MAN C . -35.11 5.24 9.81
O6 MAN C . -32.53 5.87 9.09
C1 NAG C . -38.93 5.79 10.44
C2 NAG C . -39.11 7.29 10.60
C3 NAG C . -39.96 7.52 11.83
C4 NAG C . -41.32 6.84 11.62
C5 NAG C . -41.14 5.36 11.25
C6 NAG C . -42.43 4.71 10.82
C7 NAG C . -37.25 8.47 9.62
C8 NAG C . -35.90 9.13 9.81
N2 NAG C . -37.82 7.95 10.70
O3 NAG C . -40.13 8.90 12.07
O4 NAG C . -42.09 6.95 12.84
O5 NAG C . -40.21 5.21 10.16
O6 NAG C . -42.94 5.36 9.67
O7 NAG C . -37.78 8.42 8.51
C1 GAL C . -43.39 7.46 12.78
C2 GAL C . -44.10 7.12 14.10
C3 GAL C . -45.48 7.74 14.12
C4 GAL C . -45.41 9.23 13.85
C5 GAL C . -44.62 9.51 12.57
C6 GAL C . -44.41 10.99 12.33
O2 GAL C . -44.22 5.72 14.26
O3 GAL C . -46.07 7.51 15.38
O4 GAL C . -44.79 9.91 14.94
O5 GAL C . -43.31 8.88 12.62
O6 GAL C . -43.88 11.23 11.03
#